data_7M55
#
_entry.id   7M55
#
_cell.length_a   93.589
_cell.length_b   60.444
_cell.length_c   79.710
_cell.angle_alpha   90.000
_cell.angle_beta   93.750
_cell.angle_gamma   90.000
#
_symmetry.space_group_name_H-M   'C 1 2 1'
#
loop_
_entity.id
_entity.type
_entity.pdbx_description
1 polymer 'Spike glycoprotein stem helix peptide'
2 polymer 'B6 antigen binding fragment (Fab) heavy chain'
3 polymer 'B6 antigen binding fragment (Fab) light chain'
4 non-polymer GLYCEROL
5 water water
#
loop_
_entity_poly.entity_id
_entity_poly.type
_entity_poly.pdbx_seq_one_letter_code
_entity_poly.pdbx_strand_id
1 'polypeptide(L)' DFQDELDEFFKNVST A
2 'polypeptide(L)'
;EVQLQQSGPVLVKPGASVRMSCKASGYTITDYYLNWVKQSHGKSLEWLGVLNPYSGGSLYSQTFKGKATLTVDRSSSTAY
LELNSLTSEDSAVYYCARQLGRGNGLDYWGQGTSVTVSSVSTKGPSVFPLAPSSKSTSGGTAALGCLVKDYFPEPVTVSW
NSGALTSGVHTFPAVLQSSGLYSLSSVVTVPSSSLGTQTYICNVNHKPSNTKVDKRVEPK
;
H
3 'polypeptide(L)'
;NIMMTQSPSSLAVSAGEKVTMSCKSSQSVLHSSDQKNYLAWYQQKPGQSPKLLIYWASTRESGVPDRFTGSGSGTDFTLT
ISSVQAEDLAVYFCHQYLSSYTFGGGTKLEIKRTVAAPSVFIFPPSDEQLKSGTASVVCLLNNFYPREAKVQWKVDNALQ
SGNSQESVTEQDSKDSTYSLSSTLTLSKADYEKHKVYACEVTHQGLSSPVTKSFNRGEC
;
L
#
# COMPACT_ATOMS: atom_id res chain seq x y z
N ASP A 1 7.15 -28.02 24.63
CA ASP A 1 6.96 -27.87 23.18
C ASP A 1 7.22 -26.41 22.77
N PHE A 2 6.62 -25.95 21.66
CA PHE A 2 6.96 -24.61 21.18
C PHE A 2 6.60 -23.54 22.20
N GLN A 3 5.43 -23.64 22.82
CA GLN A 3 5.10 -22.77 23.95
C GLN A 3 6.20 -22.80 25.00
N ASP A 4 6.74 -23.98 25.29
CA ASP A 4 7.81 -24.06 26.27
C ASP A 4 9.12 -23.48 25.73
N GLU A 5 9.39 -23.70 24.42
CA GLU A 5 10.53 -23.05 23.78
C GLU A 5 10.47 -21.54 23.93
N LEU A 6 9.28 -20.96 23.74
CA LEU A 6 9.12 -19.52 23.90
C LEU A 6 9.30 -19.10 25.36
N ASP A 7 8.78 -19.88 26.29
CA ASP A 7 8.97 -19.59 27.71
C ASP A 7 10.46 -19.54 28.03
N GLU A 8 11.20 -20.56 27.61
CA GLU A 8 12.63 -20.60 27.85
C GLU A 8 13.36 -19.46 27.14
N PHE A 9 13.00 -19.17 25.89
CA PHE A 9 13.73 -18.17 25.15
C PHE A 9 13.62 -16.79 25.79
N PHE A 10 12.46 -16.47 26.34
CA PHE A 10 12.17 -15.13 26.85
C PHE A 10 12.54 -14.94 28.31
N LYS A 11 13.05 -15.97 28.97
CA LYS A 11 13.34 -15.94 30.41
C LYS A 11 14.27 -14.80 30.83
N GLU B 1 12.35 9.83 18.94
CA GLU B 1 11.28 8.82 18.94
C GLU B 1 11.82 7.46 18.50
N VAL B 2 11.10 6.40 18.85
CA VAL B 2 11.50 5.04 18.45
C VAL B 2 11.39 4.90 16.93
N GLN B 3 12.38 4.25 16.33
CA GLN B 3 12.34 3.97 14.90
C GLN B 3 12.99 2.62 14.64
N LEU B 4 12.44 1.89 13.68
CA LEU B 4 13.05 0.69 13.12
C LEU B 4 13.15 0.90 11.61
N GLN B 5 14.35 1.16 11.12
CA GLN B 5 14.58 1.53 9.74
C GLN B 5 15.06 0.28 8.99
N GLN B 6 14.25 -0.19 8.06
CA GLN B 6 14.58 -1.39 7.32
C GLN B 6 15.18 -1.01 5.98
N SER B 7 15.98 -1.92 5.44
CA SER B 7 16.67 -1.65 4.18
C SER B 7 15.68 -1.72 3.00
N GLY B 8 16.15 -1.27 1.85
CA GLY B 8 15.27 -1.01 0.73
C GLY B 8 14.89 -2.25 -0.04
N PRO B 9 14.01 -2.07 -1.02
CA PRO B 9 13.50 -3.21 -1.79
C PRO B 9 14.58 -3.84 -2.63
N VAL B 10 14.41 -5.13 -2.92
CA VAL B 10 15.39 -5.86 -3.70
C VAL B 10 14.68 -6.82 -4.64
N LEU B 11 15.36 -7.12 -5.75
CA LEU B 11 15.01 -8.15 -6.71
C LEU B 11 16.10 -9.19 -6.67
N VAL B 12 15.72 -10.46 -6.53
CA VAL B 12 16.68 -11.56 -6.49
C VAL B 12 16.17 -12.71 -7.35
N LYS B 13 17.11 -13.53 -7.87
CA LYS B 13 16.74 -14.66 -8.71
C LYS B 13 16.42 -15.88 -7.86
N PRO B 14 15.57 -16.76 -8.36
CA PRO B 14 15.31 -18.04 -7.67
C PRO B 14 16.61 -18.79 -7.42
N GLY B 15 16.70 -19.38 -6.22
CA GLY B 15 17.87 -20.10 -5.78
C GLY B 15 18.90 -19.25 -5.07
N ALA B 16 18.81 -17.93 -5.19
CA ALA B 16 19.76 -17.04 -4.55
C ALA B 16 19.38 -16.84 -3.08
N SER B 17 20.22 -16.12 -2.36
CA SER B 17 19.97 -15.74 -0.99
C SER B 17 19.89 -14.22 -0.91
N VAL B 18 19.29 -13.73 0.15
CA VAL B 18 19.21 -12.29 0.36
C VAL B 18 19.38 -12.00 1.84
N ARG B 19 20.06 -10.91 2.14
CA ARG B 19 20.15 -10.43 3.51
C ARG B 19 19.60 -9.01 3.58
N MET B 20 18.71 -8.76 4.57
CA MET B 20 18.14 -7.44 4.79
C MET B 20 18.37 -7.01 6.22
N SER B 21 18.28 -5.70 6.47
CA SER B 21 18.65 -5.12 7.76
C SER B 21 17.51 -4.33 8.39
N CYS B 22 17.62 -4.15 9.70
CA CYS B 22 16.61 -3.47 10.51
C CYS B 22 17.39 -2.74 11.59
N LYS B 23 17.45 -1.40 11.51
CA LYS B 23 18.26 -0.60 12.42
C LYS B 23 17.37 0.06 13.47
N ALA B 24 17.67 -0.17 14.75
CA ALA B 24 16.91 0.37 15.86
C ALA B 24 17.49 1.69 16.33
N SER B 25 16.64 2.67 16.56
CA SER B 25 17.08 3.97 17.07
C SER B 25 15.98 4.59 17.91
N GLY B 26 16.35 5.60 18.70
CA GLY B 26 15.43 6.15 19.66
C GLY B 26 15.23 5.30 20.89
N TYR B 27 15.91 4.16 20.98
CA TYR B 27 15.89 3.29 22.15
C TYR B 27 17.11 2.38 22.07
N THR B 28 17.36 1.63 23.15
CA THR B 28 18.50 0.72 23.20
C THR B 28 18.05 -0.67 22.74
N ILE B 29 18.63 -1.13 21.63
CA ILE B 29 18.23 -2.34 20.92
C ILE B 29 18.23 -3.57 21.82
N THR B 30 19.01 -3.53 22.90
CA THR B 30 19.13 -4.67 23.80
C THR B 30 17.88 -4.90 24.64
N ASP B 31 17.06 -3.86 24.85
CA ASP B 31 15.95 -3.92 25.78
C ASP B 31 14.72 -4.63 25.22
N TYR B 32 14.71 -4.99 23.93
CA TYR B 32 13.52 -5.56 23.31
C TYR B 32 13.93 -6.73 22.43
N TYR B 33 13.09 -7.77 22.38
CA TYR B 33 13.27 -8.79 21.36
C TYR B 33 12.86 -8.24 20.01
N LEU B 34 13.32 -8.91 18.95
CA LEU B 34 13.02 -8.48 17.59
C LEU B 34 12.46 -9.65 16.78
N ASN B 35 11.23 -9.49 16.30
CA ASN B 35 10.57 -10.51 15.50
C ASN B 35 10.66 -10.15 14.02
N TRP B 36 10.53 -11.17 13.18
CA TRP B 36 10.40 -10.97 11.74
C TRP B 36 9.13 -11.63 11.28
N VAL B 37 8.35 -10.90 10.48
CA VAL B 37 7.02 -11.31 10.04
C VAL B 37 6.90 -10.97 8.57
N LYS B 38 6.45 -11.94 7.77
CA LYS B 38 6.27 -11.80 6.32
C LYS B 38 4.83 -11.40 6.01
N GLN B 39 4.65 -10.48 5.06
CA GLN B 39 3.32 -10.17 4.58
C GLN B 39 3.29 -10.37 3.07
N SER B 40 2.61 -11.42 2.62
N SER B 40 2.40 -11.25 2.62
CA SER B 40 2.65 -11.80 1.21
CA SER B 40 2.19 -11.51 1.21
C SER B 40 1.62 -11.07 0.39
C SER B 40 0.94 -10.76 0.76
N HIS B 41 0.50 -10.73 1.01
N HIS B 41 1.01 -10.21 -0.46
CA HIS B 41 -0.51 -9.85 0.47
CA HIS B 41 -0.11 -9.54 -1.13
C HIS B 41 -1.20 -9.18 1.65
C HIS B 41 -0.80 -8.49 -0.25
N GLY B 42 -2.06 -8.21 1.35
N GLY B 42 -0.02 -7.82 0.59
CA GLY B 42 -2.65 -7.39 2.40
CA GLY B 42 -0.52 -6.73 1.41
C GLY B 42 -3.43 -8.14 3.46
C GLY B 42 -1.48 -7.14 2.50
N LYS B 43 -3.89 -9.36 3.16
N LYS B 43 -1.50 -8.41 2.90
CA LYS B 43 -4.68 -10.11 4.13
CA LYS B 43 -2.50 -8.82 3.88
C LYS B 43 -3.92 -11.30 4.71
C LYS B 43 -2.02 -9.92 4.82
N SER B 44 -2.59 -11.18 4.80
N SER B 44 -1.99 -11.17 4.34
CA SER B 44 -1.75 -12.28 5.24
CA SER B 44 -1.67 -12.32 5.19
C SER B 44 -0.58 -11.74 6.06
C SER B 44 -0.32 -12.16 5.88
N LEU B 45 -0.30 -12.41 7.18
CA LEU B 45 0.90 -12.25 7.99
C LEU B 45 1.38 -13.62 8.44
N GLU B 46 2.70 -13.83 8.40
CA GLU B 46 3.29 -15.11 8.81
C GLU B 46 4.59 -14.85 9.57
N TRP B 47 4.72 -15.46 10.74
CA TRP B 47 5.86 -15.20 11.61
C TRP B 47 7.02 -16.09 11.20
N LEU B 48 8.23 -15.52 11.17
CA LEU B 48 9.44 -16.28 10.88
C LEU B 48 10.18 -16.71 12.13
N GLY B 49 10.26 -15.83 13.12
CA GLY B 49 11.03 -16.13 14.31
C GLY B 49 11.41 -14.86 15.04
N VAL B 50 12.16 -15.03 16.13
CA VAL B 50 12.46 -13.92 17.02
C VAL B 50 13.93 -13.94 17.43
N LEU B 51 14.53 -12.76 17.50
CA LEU B 51 15.92 -12.58 17.88
C LEU B 51 16.00 -11.92 19.25
N ASN B 52 16.94 -12.39 20.08
CA ASN B 52 17.30 -11.73 21.32
C ASN B 52 18.52 -10.88 21.00
N PRO B 53 18.38 -9.55 20.87
CA PRO B 53 19.55 -8.74 20.50
C PRO B 53 20.64 -8.74 21.54
N TYR B 54 20.29 -8.90 22.83
CA TYR B 54 21.30 -8.97 23.88
C TYR B 54 22.24 -10.14 23.67
N SER B 55 21.69 -11.36 23.66
CA SER B 55 22.54 -12.53 23.50
C SER B 55 22.96 -12.73 22.05
N GLY B 56 22.06 -12.48 21.09
CA GLY B 56 22.29 -12.82 19.70
C GLY B 56 21.69 -14.14 19.27
N GLY B 57 21.03 -14.88 20.19
CA GLY B 57 20.38 -16.11 19.82
C GLY B 57 18.98 -15.87 19.30
N SER B 58 18.43 -16.87 18.62
CA SER B 58 17.13 -16.73 17.97
C SER B 58 16.33 -18.01 18.19
N LEU B 59 15.01 -17.88 18.05
CA LEU B 59 14.09 -18.99 18.00
C LEU B 59 13.30 -18.85 16.70
N TYR B 60 13.23 -19.93 15.93
CA TYR B 60 12.64 -19.90 14.60
C TYR B 60 11.36 -20.71 14.58
N SER B 61 10.39 -20.21 13.81
CA SER B 61 9.26 -21.05 13.44
C SER B 61 9.77 -22.26 12.69
N GLN B 62 9.11 -23.40 12.93
CA GLN B 62 9.47 -24.63 12.21
C GLN B 62 9.35 -24.43 10.70
N THR B 63 8.43 -23.56 10.27
CA THR B 63 8.27 -23.29 8.85
C THR B 63 9.52 -22.68 8.25
N PHE B 64 10.28 -21.92 9.03
CA PHE B 64 11.42 -21.19 8.50
C PHE B 64 12.76 -21.72 8.99
N LYS B 65 12.77 -22.80 9.75
CA LYS B 65 14.01 -23.43 10.19
C LYS B 65 14.84 -23.84 8.98
N GLY B 66 16.10 -23.42 8.98
CA GLY B 66 16.97 -23.69 7.85
C GLY B 66 16.69 -22.87 6.60
N LYS B 67 15.68 -22.01 6.63
CA LYS B 67 15.42 -21.07 5.54
C LYS B 67 15.84 -19.65 5.89
N ALA B 68 15.59 -19.25 7.13
CA ALA B 68 15.91 -17.91 7.61
C ALA B 68 17.03 -18.00 8.63
N THR B 69 17.82 -16.93 8.73
CA THR B 69 18.88 -16.82 9.72
C THR B 69 18.86 -15.41 10.25
N LEU B 70 18.68 -15.26 11.57
CA LEU B 70 18.69 -13.96 12.22
C LEU B 70 20.04 -13.71 12.86
N THR B 71 20.54 -12.48 12.71
CA THR B 71 21.76 -12.06 13.35
C THR B 71 21.61 -10.63 13.83
N VAL B 72 22.58 -10.14 14.59
CA VAL B 72 22.57 -8.77 15.09
C VAL B 72 23.99 -8.21 15.14
N ASP B 73 24.11 -6.91 14.87
CA ASP B 73 25.34 -6.15 15.07
C ASP B 73 25.00 -5.03 16.07
N ARG B 74 25.40 -5.22 17.32
CA ARG B 74 24.97 -4.29 18.36
C ARG B 74 25.68 -2.94 18.28
N SER B 75 26.91 -2.92 17.77
CA SER B 75 27.64 -1.65 17.68
C SER B 75 26.93 -0.66 16.79
N SER B 76 26.25 -1.15 15.74
CA SER B 76 25.41 -0.32 14.89
C SER B 76 23.94 -0.48 15.20
N SER B 77 23.60 -1.25 16.25
CA SER B 77 22.21 -1.54 16.64
C SER B 77 21.37 -1.97 15.43
N THR B 78 21.86 -2.97 14.72
CA THR B 78 21.24 -3.42 13.48
C THR B 78 21.02 -4.93 13.53
N ALA B 79 19.79 -5.35 13.25
CA ALA B 79 19.44 -6.75 13.13
C ALA B 79 19.35 -7.12 11.65
N TYR B 80 19.58 -8.40 11.36
CA TYR B 80 19.60 -8.85 9.97
C TYR B 80 18.79 -10.13 9.81
N LEU B 81 18.11 -10.24 8.67
CA LEU B 81 17.44 -11.46 8.28
C LEU B 81 18.05 -11.92 6.96
N GLU B 82 18.56 -13.15 6.92
CA GLU B 82 19.02 -13.76 5.68
C GLU B 82 18.06 -14.89 5.32
N LEU B 83 17.65 -14.95 4.06
CA LEU B 83 16.81 -16.01 3.53
C LEU B 83 17.60 -16.70 2.43
N ASN B 84 17.61 -18.03 2.42
CA ASN B 84 18.31 -18.78 1.40
C ASN B 84 17.33 -19.56 0.52
N SER B 85 17.86 -20.17 -0.55
CA SER B 85 17.08 -21.08 -1.40
C SER B 85 15.77 -20.43 -1.87
N LEU B 86 15.87 -19.19 -2.33
CA LEU B 86 14.67 -18.40 -2.55
C LEU B 86 13.83 -18.94 -3.70
N THR B 87 12.52 -18.94 -3.52
CA THR B 87 11.57 -19.30 -4.57
C THR B 87 10.62 -18.13 -4.79
N SER B 88 9.84 -18.22 -5.87
CA SER B 88 8.83 -17.21 -6.14
CA SER B 88 8.84 -17.20 -6.13
C SER B 88 7.88 -17.02 -4.95
N GLU B 89 7.70 -18.06 -4.15
CA GLU B 89 6.81 -18.03 -2.99
C GLU B 89 7.40 -17.26 -1.81
N ASP B 90 8.67 -16.89 -1.89
CA ASP B 90 9.30 -16.04 -0.88
C ASP B 90 9.14 -14.54 -1.18
N SER B 91 8.53 -14.15 -2.30
CA SER B 91 8.31 -12.74 -2.56
C SER B 91 7.28 -12.22 -1.58
N ALA B 92 7.61 -11.13 -0.88
CA ALA B 92 6.76 -10.64 0.21
C ALA B 92 7.42 -9.39 0.77
N VAL B 93 6.68 -8.68 1.59
CA VAL B 93 7.26 -7.66 2.45
C VAL B 93 7.62 -8.31 3.78
N TYR B 94 8.83 -8.08 4.24
CA TYR B 94 9.33 -8.63 5.49
C TYR B 94 9.45 -7.51 6.51
N TYR B 95 8.76 -7.66 7.64
CA TYR B 95 8.80 -6.69 8.72
C TYR B 95 9.65 -7.17 9.89
N CYS B 96 10.37 -6.24 10.48
CA CYS B 96 10.93 -6.44 11.80
CA CYS B 96 10.98 -6.36 11.79
C CYS B 96 10.03 -5.71 12.79
N ALA B 97 9.87 -6.30 13.97
CA ALA B 97 8.90 -5.80 14.94
C ALA B 97 9.34 -6.13 16.35
N ARG B 98 9.44 -5.12 17.19
CA ARG B 98 10.02 -5.32 18.51
C ARG B 98 8.96 -5.80 19.48
N GLN B 99 9.44 -6.49 20.52
CA GLN B 99 8.57 -7.09 21.53
C GLN B 99 9.30 -7.02 22.86
N LEU B 100 8.68 -6.39 23.85
CA LEU B 100 9.36 -6.18 25.12
C LEU B 100 9.71 -7.50 25.81
N GLY B 101 8.75 -8.41 25.88
CA GLY B 101 8.93 -9.66 26.60
C GLY B 101 7.87 -10.66 26.16
N ARG B 102 7.89 -11.81 26.84
CA ARG B 102 7.07 -12.96 26.45
C ARG B 102 5.61 -12.59 26.29
N GLY B 103 5.05 -11.86 27.24
CA GLY B 103 3.63 -11.58 27.27
C GLY B 103 3.22 -10.35 26.49
N ASN B 104 4.17 -9.66 25.85
CA ASN B 104 3.82 -8.44 25.13
C ASN B 104 3.47 -8.67 23.66
N GLY B 105 2.66 -7.77 23.15
CA GLY B 105 2.43 -7.68 21.72
C GLY B 105 3.62 -7.09 21.00
N LEU B 106 3.52 -7.06 19.66
CA LEU B 106 4.59 -6.50 18.82
C LEU B 106 4.31 -5.01 18.71
N ASP B 107 4.95 -4.22 19.57
CA ASP B 107 4.50 -2.85 19.82
C ASP B 107 5.01 -1.83 18.80
N TYR B 108 6.03 -2.15 18.01
CA TYR B 108 6.53 -1.23 17.00
C TYR B 108 7.09 -2.05 15.86
N TRP B 109 6.65 -1.73 14.64
CA TRP B 109 7.03 -2.46 13.44
C TRP B 109 7.79 -1.52 12.52
N GLY B 110 8.84 -2.05 11.90
CA GLY B 110 9.55 -1.34 10.86
C GLY B 110 8.67 -1.17 9.63
N GLN B 111 9.21 -0.46 8.63
CA GLN B 111 8.39 -0.11 7.47
C GLN B 111 8.35 -1.24 6.46
N GLY B 112 9.13 -2.29 6.68
CA GLY B 112 9.11 -3.46 5.80
C GLY B 112 10.11 -3.36 4.69
N THR B 113 10.60 -4.52 4.27
CA THR B 113 11.47 -4.63 3.09
C THR B 113 10.77 -5.49 2.06
N SER B 114 10.56 -4.96 0.84
CA SER B 114 9.93 -5.74 -0.21
C SER B 114 10.98 -6.56 -0.94
N VAL B 115 10.79 -7.87 -0.95
CA VAL B 115 11.68 -8.78 -1.67
C VAL B 115 10.88 -9.37 -2.82
N THR B 116 11.35 -9.20 -4.05
CA THR B 116 10.76 -9.89 -5.18
C THR B 116 11.73 -10.93 -5.68
N VAL B 117 11.27 -12.17 -5.80
CA VAL B 117 12.06 -13.28 -6.34
C VAL B 117 11.53 -13.57 -7.73
N SER B 118 12.40 -13.42 -8.73
CA SER B 118 11.93 -13.52 -10.11
C SER B 118 13.12 -13.77 -11.00
N SER B 119 12.87 -14.48 -12.09
CA SER B 119 13.86 -14.61 -13.16
CA SER B 119 13.88 -14.59 -13.14
C SER B 119 13.92 -13.36 -14.05
N VAL B 120 12.94 -12.48 -13.98
CA VAL B 120 12.90 -11.26 -14.80
C VAL B 120 13.90 -10.27 -14.25
N SER B 121 14.64 -9.60 -15.13
CA SER B 121 15.65 -8.64 -14.75
CA SER B 121 15.63 -8.67 -14.64
C SER B 121 15.02 -7.29 -14.40
N THR B 122 15.75 -6.49 -13.62
CA THR B 122 15.25 -5.18 -13.28
C THR B 122 15.17 -4.30 -14.51
N LYS B 123 14.18 -3.42 -14.51
CA LYS B 123 14.06 -2.38 -15.52
C LYS B 123 13.64 -1.10 -14.84
N GLY B 124 14.35 -0.02 -15.11
CA GLY B 124 13.96 1.26 -14.58
C GLY B 124 12.90 1.96 -15.40
N PRO B 125 12.06 2.75 -14.73
CA PRO B 125 10.96 3.40 -15.43
C PRO B 125 11.40 4.63 -16.21
N SER B 126 10.61 4.94 -17.22
CA SER B 126 10.62 6.27 -17.79
C SER B 126 9.64 7.11 -16.99
N VAL B 127 9.95 8.37 -16.79
CA VAL B 127 9.10 9.29 -16.04
C VAL B 127 8.68 10.42 -16.97
N PHE B 128 7.37 10.56 -17.17
CA PHE B 128 6.83 11.56 -18.07
C PHE B 128 5.88 12.47 -17.31
N PRO B 129 5.90 13.76 -17.61
CA PRO B 129 4.96 14.67 -16.98
C PRO B 129 3.53 14.44 -17.46
N LEU B 130 2.58 14.69 -16.54
CA LEU B 130 1.16 14.82 -16.84
C LEU B 130 0.86 16.30 -16.62
N ALA B 131 0.90 17.07 -17.70
CA ALA B 131 0.96 18.51 -17.51
C ALA B 131 -0.45 19.09 -17.35
N PRO B 132 -0.60 20.07 -16.45
CA PRO B 132 -1.90 20.70 -16.28
C PRO B 132 -2.23 21.49 -17.52
N SER B 133 -3.50 21.48 -17.88
CA SER B 133 -3.95 22.21 -19.04
C SER B 133 -5.41 22.58 -18.82
N SER B 134 -6.04 23.12 -19.86
N SER B 134 -6.04 23.12 -19.86
CA SER B 134 -7.45 23.49 -19.78
CA SER B 134 -7.45 23.50 -19.79
C SER B 134 -8.35 22.29 -19.61
C SER B 134 -8.39 22.30 -19.78
N LYS B 135 -7.87 21.08 -19.88
CA LYS B 135 -8.68 19.87 -19.76
C LYS B 135 -8.33 19.11 -18.50
N SER B 136 -7.49 19.68 -17.66
CA SER B 136 -7.25 19.16 -16.33
C SER B 136 -7.50 20.26 -15.30
N THR B 137 -8.55 21.05 -15.50
CA THR B 137 -8.99 22.04 -14.52
C THR B 137 -10.42 21.79 -14.11
N SER B 138 -10.69 21.96 -12.82
CA SER B 138 -12.02 21.79 -12.26
C SER B 138 -12.22 22.97 -11.31
N GLY B 139 -12.92 23.98 -11.80
CA GLY B 139 -13.34 25.09 -10.99
C GLY B 139 -12.27 25.70 -10.10
N GLY B 140 -11.26 26.33 -10.72
CA GLY B 140 -10.18 26.96 -10.01
C GLY B 140 -9.06 26.04 -9.59
N THR B 141 -9.17 24.75 -9.87
CA THR B 141 -8.14 23.79 -9.50
C THR B 141 -7.58 23.16 -10.75
N ALA B 142 -6.33 22.76 -10.68
CA ALA B 142 -5.69 22.08 -11.79
C ALA B 142 -5.08 20.79 -11.26
N ALA B 143 -5.19 19.73 -12.04
CA ALA B 143 -4.50 18.47 -11.75
C ALA B 143 -3.23 18.38 -12.58
N LEU B 144 -2.19 17.81 -11.99
CA LEU B 144 -0.93 17.56 -12.67
C LEU B 144 -0.34 16.29 -12.09
N GLY B 145 0.66 15.72 -12.75
CA GLY B 145 1.13 14.44 -12.28
C GLY B 145 2.38 13.99 -13.01
N CYS B 146 2.75 12.74 -12.72
CA CYS B 146 3.81 12.07 -13.42
CA CYS B 146 3.78 12.09 -13.50
C CYS B 146 3.39 10.65 -13.73
N LEU B 147 3.73 10.19 -14.90
CA LEU B 147 3.50 8.82 -15.34
C LEU B 147 4.84 8.11 -15.24
N VAL B 148 4.87 7.01 -14.50
CA VAL B 148 6.08 6.26 -14.22
C VAL B 148 5.89 4.92 -14.93
N LYS B 149 6.48 4.78 -16.10
CA LYS B 149 6.09 3.74 -17.05
C LYS B 149 7.20 2.73 -17.26
N ASP B 150 6.84 1.45 -17.24
CA ASP B 150 7.68 0.34 -17.72
C ASP B 150 8.82 0.01 -16.76
N TYR B 151 8.51 -0.46 -15.57
CA TYR B 151 9.55 -0.83 -14.61
C TYR B 151 9.30 -2.21 -14.03
N PHE B 152 10.37 -2.74 -13.42
CA PHE B 152 10.26 -4.03 -12.76
C PHE B 152 11.38 -4.11 -11.75
N PRO B 153 11.13 -4.62 -10.53
CA PRO B 153 9.85 -5.04 -9.95
C PRO B 153 9.20 -3.86 -9.24
N GLU B 154 8.11 -4.11 -8.51
CA GLU B 154 7.67 -3.14 -7.54
C GLU B 154 8.64 -3.12 -6.35
N PRO B 155 8.66 -2.03 -5.58
CA PRO B 155 7.89 -0.80 -5.73
C PRO B 155 8.67 0.36 -6.34
N VAL B 156 7.93 1.33 -6.90
CA VAL B 156 8.38 2.69 -7.19
C VAL B 156 7.82 3.53 -6.05
N THR B 157 8.64 4.44 -5.50
CA THR B 157 8.13 5.47 -4.60
C THR B 157 8.09 6.82 -5.31
N VAL B 158 7.05 7.59 -5.04
CA VAL B 158 6.91 8.91 -5.61
C VAL B 158 6.66 9.89 -4.47
N SER B 159 7.44 10.95 -4.44
CA SER B 159 7.08 12.09 -3.61
C SER B 159 6.94 13.31 -4.50
N TRP B 160 6.39 14.38 -3.93
CA TRP B 160 6.27 15.65 -4.62
C TRP B 160 7.02 16.72 -3.84
N ASN B 161 7.82 17.50 -4.54
CA ASN B 161 8.56 18.60 -3.93
C ASN B 161 9.33 18.12 -2.72
N SER B 162 9.98 16.97 -2.88
CA SER B 162 10.84 16.40 -1.85
C SER B 162 10.11 16.15 -0.54
N GLY B 163 8.80 15.92 -0.64
CA GLY B 163 7.98 15.63 0.53
C GLY B 163 7.26 16.83 1.10
N ALA B 164 7.52 18.03 0.57
CA ALA B 164 6.81 19.23 1.03
C ALA B 164 5.38 19.29 0.52
N LEU B 165 5.04 18.51 -0.51
CA LEU B 165 3.70 18.52 -1.05
C LEU B 165 3.11 17.13 -0.87
N THR B 166 2.16 17.01 0.04
CA THR B 166 1.45 15.77 0.27
C THR B 166 -0.05 15.88 0.15
N SER B 167 -0.61 17.04 0.44
CA SER B 167 -2.05 17.19 0.37
CA SER B 167 -2.05 17.18 0.37
C SER B 167 -2.49 17.04 -1.08
N GLY B 168 -3.61 16.34 -1.29
CA GLY B 168 -4.17 16.21 -2.61
C GLY B 168 -3.44 15.29 -3.56
N VAL B 169 -2.45 14.53 -3.08
CA VAL B 169 -1.69 13.58 -3.91
C VAL B 169 -2.41 12.25 -3.94
N HIS B 170 -2.48 11.66 -5.13
CA HIS B 170 -2.92 10.27 -5.27
C HIS B 170 -1.85 9.56 -6.07
N THR B 171 -1.17 8.61 -5.46
CA THR B 171 -0.21 7.76 -6.15
C THR B 171 -0.89 6.41 -6.29
N PHE B 172 -1.21 6.07 -7.50
CA PHE B 172 -2.10 4.94 -7.78
C PHE B 172 -1.36 3.62 -7.67
N PRO B 173 -2.08 2.56 -7.34
CA PRO B 173 -1.49 1.21 -7.46
C PRO B 173 -1.00 0.99 -8.89
N ALA B 174 0.15 0.35 -9.00
CA ALA B 174 0.68 0.03 -10.31
C ALA B 174 -0.21 -0.98 -11.03
N VAL B 175 -0.16 -0.93 -12.37
CA VAL B 175 -0.80 -1.93 -13.23
C VAL B 175 0.31 -2.76 -13.84
N LEU B 176 0.01 -4.04 -14.03
CA LEU B 176 0.93 -4.96 -14.68
C LEU B 176 0.58 -4.99 -16.16
N GLN B 177 1.52 -4.55 -17.01
CA GLN B 177 1.29 -4.51 -18.45
C GLN B 177 1.54 -5.88 -19.04
N SER B 178 1.07 -6.10 -20.28
CA SER B 178 1.21 -7.42 -20.86
CA SER B 178 1.21 -7.42 -20.86
C SER B 178 2.67 -7.82 -21.05
N SER B 179 3.56 -6.83 -21.14
CA SER B 179 4.99 -7.07 -21.19
C SER B 179 5.55 -7.63 -19.89
N GLY B 180 4.77 -7.64 -18.81
CA GLY B 180 5.32 -8.00 -17.54
C GLY B 180 5.95 -6.86 -16.78
N LEU B 181 5.95 -5.66 -17.35
CA LEU B 181 6.42 -4.45 -16.68
C LEU B 181 5.26 -3.67 -16.06
N TYR B 182 5.58 -2.95 -14.99
CA TYR B 182 4.60 -2.17 -14.28
C TYR B 182 4.57 -0.74 -14.78
N SER B 183 3.44 -0.09 -14.57
CA SER B 183 3.31 1.34 -14.79
CA SER B 183 3.33 1.35 -14.75
C SER B 183 2.44 1.92 -13.67
N LEU B 184 2.76 3.13 -13.22
CA LEU B 184 1.86 3.80 -12.30
C LEU B 184 1.82 5.28 -12.62
N SER B 185 0.80 5.93 -12.08
CA SER B 185 0.72 7.38 -12.13
CA SER B 185 0.70 7.38 -12.13
C SER B 185 0.60 7.96 -10.73
N SER B 186 1.06 9.20 -10.56
CA SER B 186 0.91 9.94 -9.33
C SER B 186 0.45 11.34 -9.73
N VAL B 187 -0.63 11.79 -9.12
CA VAL B 187 -1.22 13.07 -9.47
C VAL B 187 -1.42 13.92 -8.23
N VAL B 188 -1.61 15.22 -8.44
CA VAL B 188 -1.94 16.14 -7.36
C VAL B 188 -2.84 17.22 -7.92
N THR B 189 -3.76 17.70 -7.11
CA THR B 189 -4.59 18.84 -7.48
CA THR B 189 -4.62 18.83 -7.46
C THR B 189 -4.11 20.06 -6.73
N VAL B 190 -3.95 21.16 -7.45
CA VAL B 190 -3.39 22.40 -6.91
C VAL B 190 -4.20 23.61 -7.37
N PRO B 191 -3.97 24.80 -6.83
CA PRO B 191 -4.70 25.96 -7.32
C PRO B 191 -4.28 26.26 -8.76
N SER B 192 -5.25 26.53 -9.63
CA SER B 192 -4.86 27.01 -10.95
CA SER B 192 -4.92 27.04 -10.96
C SER B 192 -4.23 28.40 -10.88
N SER B 193 -4.57 29.20 -9.87
CA SER B 193 -4.11 30.59 -9.81
C SER B 193 -2.61 30.72 -9.63
N SER B 194 -1.96 29.72 -9.06
CA SER B 194 -0.55 29.84 -8.72
C SER B 194 0.35 28.94 -9.56
N LEU B 195 -0.16 28.44 -10.70
CA LEU B 195 0.67 27.60 -11.55
C LEU B 195 1.91 28.33 -12.03
N GLY B 196 1.89 29.65 -12.09
CA GLY B 196 3.04 30.44 -12.51
C GLY B 196 4.06 30.76 -11.42
N THR B 197 3.69 30.61 -10.15
CA THR B 197 4.60 30.95 -9.09
C THR B 197 5.09 29.73 -8.32
N GLN B 198 4.39 28.62 -8.39
CA GLN B 198 4.82 27.42 -7.68
C GLN B 198 5.49 26.45 -8.62
N THR B 199 6.43 25.68 -8.09
N THR B 199 6.39 25.64 -8.10
CA THR B 199 7.14 24.68 -8.85
CA THR B 199 7.13 24.67 -8.90
C THR B 199 6.73 23.31 -8.34
C THR B 199 6.89 23.27 -8.37
N TYR B 200 6.39 22.39 -9.24
CA TYR B 200 5.96 21.05 -8.87
C TYR B 200 6.91 20.06 -9.51
N ILE B 201 7.57 19.27 -8.68
CA ILE B 201 8.56 18.28 -9.11
C ILE B 201 8.18 16.95 -8.50
N CYS B 202 8.04 15.93 -9.33
CA CYS B 202 7.83 14.59 -8.80
CA CYS B 202 7.82 14.59 -8.82
C CYS B 202 9.16 13.88 -8.67
N ASN B 203 9.39 13.30 -7.50
CA ASN B 203 10.65 12.64 -7.19
C ASN B 203 10.35 11.16 -7.24
N VAL B 204 10.90 10.48 -8.22
CA VAL B 204 10.61 9.08 -8.45
C VAL B 204 11.85 8.28 -8.09
N ASN B 205 11.67 7.29 -7.22
CA ASN B 205 12.73 6.37 -6.84
CA ASN B 205 12.74 6.38 -6.85
C ASN B 205 12.32 4.96 -7.22
N HIS B 206 13.23 4.23 -7.87
CA HIS B 206 13.03 2.81 -8.11
C HIS B 206 14.36 2.18 -7.73
N LYS B 207 14.47 1.77 -6.47
CA LYS B 207 15.76 1.30 -5.98
C LYS B 207 16.36 0.15 -6.80
N PRO B 208 15.61 -0.87 -7.21
CA PRO B 208 16.28 -2.00 -7.88
C PRO B 208 16.97 -1.65 -9.19
N SER B 209 16.59 -0.55 -9.84
CA SER B 209 17.22 -0.13 -11.08
C SER B 209 18.06 1.12 -10.90
N ASN B 210 18.26 1.55 -9.64
CA ASN B 210 19.02 2.77 -9.33
C ASN B 210 18.39 4.01 -9.94
N THR B 211 17.11 3.99 -10.24
CA THR B 211 16.46 5.15 -10.81
C THR B 211 16.15 6.15 -9.71
N LYS B 212 16.62 7.37 -9.90
CA LYS B 212 16.25 8.48 -9.05
C LYS B 212 16.07 9.65 -10.01
N VAL B 213 14.82 10.01 -10.25
CA VAL B 213 14.46 11.02 -11.24
C VAL B 213 13.66 12.11 -10.56
N ASP B 214 14.01 13.36 -10.82
CA ASP B 214 13.19 14.50 -10.46
C ASP B 214 12.67 15.08 -11.76
N LYS B 215 11.35 15.13 -11.90
CA LYS B 215 10.74 15.65 -13.12
C LYS B 215 9.90 16.87 -12.78
N ARG B 216 10.26 17.99 -13.35
CA ARG B 216 9.45 19.19 -13.21
CA ARG B 216 9.45 19.20 -13.21
CA ARG B 216 9.46 19.20 -13.22
C ARG B 216 8.22 19.08 -14.10
N VAL B 217 7.07 19.41 -13.56
CA VAL B 217 5.81 19.32 -14.29
C VAL B 217 5.26 20.73 -14.42
N GLU B 218 5.20 21.24 -15.63
CA GLU B 218 4.80 22.62 -15.90
C GLU B 218 3.58 22.60 -16.79
N PRO B 219 2.76 23.66 -16.77
CA PRO B 219 1.68 23.76 -17.78
C PRO B 219 2.25 23.62 -19.17
N LYS B 220 1.53 22.89 -20.02
CA LYS B 220 2.02 22.50 -21.35
C LYS B 220 2.45 23.69 -22.22
N ASN C 1 0.01 -26.03 14.59
CA ASN C 1 -0.01 -24.74 15.26
C ASN C 1 -1.44 -24.37 15.68
N ILE C 2 -1.58 -23.22 16.32
CA ILE C 2 -2.88 -22.67 16.68
C ILE C 2 -3.39 -21.84 15.51
N MET C 3 -4.54 -22.21 14.96
CA MET C 3 -5.13 -21.52 13.81
C MET C 3 -6.07 -20.41 14.25
N MET C 4 -5.90 -19.23 13.66
CA MET C 4 -6.70 -18.07 13.99
CA MET C 4 -6.71 -18.06 13.99
C MET C 4 -7.63 -17.76 12.82
N THR C 5 -8.92 -17.58 13.10
CA THR C 5 -9.91 -17.32 12.07
C THR C 5 -10.66 -16.04 12.43
N GLN C 6 -10.72 -15.10 11.50
CA GLN C 6 -11.41 -13.85 11.69
C GLN C 6 -12.66 -13.77 10.82
N SER C 7 -13.66 -13.09 11.35
CA SER C 7 -14.91 -12.84 10.63
CA SER C 7 -14.93 -12.86 10.66
C SER C 7 -15.46 -11.51 11.10
N PRO C 8 -16.13 -10.75 10.24
CA PRO C 8 -16.23 -11.09 8.83
C PRO C 8 -14.97 -10.71 8.08
N SER C 9 -14.92 -11.09 6.81
CA SER C 9 -13.76 -10.76 5.97
C SER C 9 -13.65 -9.27 5.77
N SER C 10 -14.78 -8.59 5.64
CA SER C 10 -14.79 -7.15 5.52
C SER C 10 -16.14 -6.64 6.00
N LEU C 11 -16.18 -5.37 6.36
CA LEU C 11 -17.45 -4.73 6.61
C LEU C 11 -17.30 -3.25 6.35
N ALA C 12 -18.43 -2.60 6.12
CA ALA C 12 -18.45 -1.19 5.76
C ALA C 12 -19.46 -0.53 6.66
N VAL C 13 -19.10 0.59 7.27
CA VAL C 13 -20.02 1.34 8.11
C VAL C 13 -19.80 2.82 7.90
N SER C 14 -20.81 3.61 8.23
CA SER C 14 -20.68 5.05 8.27
C SER C 14 -19.94 5.48 9.53
N ALA C 15 -19.27 6.63 9.44
CA ALA C 15 -18.63 7.20 10.61
C ALA C 15 -19.65 7.38 11.74
N GLY C 16 -19.24 6.98 12.94
CA GLY C 16 -20.09 7.09 14.11
C GLY C 16 -20.76 5.79 14.50
N GLU C 17 -20.74 4.78 13.64
CA GLU C 17 -21.36 3.51 13.96
C GLU C 17 -20.41 2.64 14.78
N LYS C 18 -20.98 1.69 15.50
CA LYS C 18 -20.21 0.72 16.26
C LYS C 18 -19.98 -0.51 15.40
N VAL C 19 -18.79 -1.10 15.49
CA VAL C 19 -18.51 -2.34 14.79
CA VAL C 19 -18.43 -2.31 14.76
C VAL C 19 -17.92 -3.34 15.76
N THR C 20 -18.22 -4.61 15.51
CA THR C 20 -17.65 -5.75 16.21
CA THR C 20 -17.58 -5.71 16.21
C THR C 20 -17.03 -6.68 15.18
N MET C 21 -15.86 -7.24 15.48
CA MET C 21 -15.30 -8.25 14.60
C MET C 21 -14.78 -9.36 15.48
N SER C 22 -14.72 -10.55 14.91
N SER C 22 -14.78 -10.58 14.94
CA SER C 22 -14.53 -11.79 15.65
CA SER C 22 -14.50 -11.76 15.74
C SER C 22 -13.17 -12.41 15.32
C SER C 22 -13.17 -12.40 15.34
N CYS C 23 -12.54 -13.00 16.33
CA CYS C 23 -11.30 -13.76 16.16
C CYS C 23 -11.49 -15.04 16.94
N LYS C 24 -11.35 -16.18 16.30
CA LYS C 24 -11.50 -17.46 16.96
C LYS C 24 -10.20 -18.26 16.84
N SER C 25 -9.70 -18.74 17.96
CA SER C 25 -8.52 -19.59 17.95
C SER C 25 -8.94 -21.07 17.97
N SER C 26 -8.08 -21.92 17.37
CA SER C 26 -8.39 -23.35 17.29
C SER C 26 -8.22 -24.04 18.63
N GLN C 27 -7.54 -23.41 19.58
CA GLN C 27 -7.43 -23.93 20.94
C GLN C 27 -7.11 -22.75 21.83
N SER C 28 -7.06 -23.02 23.14
CA SER C 28 -6.83 -21.98 24.12
C SER C 28 -5.50 -21.27 23.88
N VAL C 29 -5.48 -19.97 24.13
CA VAL C 29 -4.30 -19.14 24.08
C VAL C 29 -3.95 -18.61 25.47
N LEU C 30 -4.48 -19.23 26.51
CA LEU C 30 -4.27 -18.79 27.87
C LEU C 30 -2.90 -19.26 28.34
N HIS C 31 -2.07 -18.33 28.80
CA HIS C 31 -0.74 -18.65 29.30
C HIS C 31 -0.84 -18.84 30.81
N SER C 32 -0.41 -20.00 31.29
CA SER C 32 -0.76 -20.42 32.64
C SER C 32 0.04 -19.66 33.70
N SER C 33 1.30 -19.34 33.42
CA SER C 33 2.16 -18.75 34.46
C SER C 33 1.66 -17.37 34.88
N ASP C 34 1.01 -16.64 33.97
CA ASP C 34 0.45 -15.34 34.29
C ASP C 34 -1.05 -15.24 34.05
N GLN C 35 -1.70 -16.33 33.61
CA GLN C 35 -3.16 -16.34 33.43
C GLN C 35 -3.64 -15.25 32.48
N LYS C 36 -2.82 -14.93 31.47
CA LYS C 36 -3.16 -14.00 30.40
C LYS C 36 -3.46 -14.78 29.13
N ASN C 37 -4.49 -14.35 28.39
CA ASN C 37 -4.67 -14.81 27.01
C ASN C 37 -3.68 -14.06 26.12
N TYR C 38 -2.77 -14.81 25.51
CA TYR C 38 -1.71 -14.22 24.68
C TYR C 38 -2.30 -13.96 23.31
N LEU C 39 -3.10 -12.91 23.25
CA LEU C 39 -3.87 -12.57 22.07
C LEU C 39 -3.72 -11.07 21.85
N ALA C 40 -3.28 -10.68 20.66
CA ALA C 40 -3.07 -9.28 20.35
C ALA C 40 -3.91 -8.89 19.14
N TRP C 41 -4.29 -7.61 19.09
CA TRP C 41 -4.91 -7.06 17.89
C TRP C 41 -4.04 -5.96 17.31
N TYR C 42 -3.97 -5.91 15.97
CA TYR C 42 -3.22 -4.90 15.25
C TYR C 42 -4.14 -4.21 14.24
N GLN C 43 -3.82 -2.96 13.97
CA GLN C 43 -4.47 -2.17 12.93
C GLN C 43 -3.43 -1.88 11.86
N GLN C 44 -3.75 -2.17 10.61
CA GLN C 44 -2.84 -1.86 9.51
C GLN C 44 -3.56 -0.99 8.50
N LYS C 45 -3.26 0.30 8.52
CA LYS C 45 -3.82 1.23 7.55
C LYS C 45 -3.11 1.08 6.21
N PRO C 46 -3.77 1.47 5.12
CA PRO C 46 -3.20 1.26 3.78
C PRO C 46 -1.81 1.88 3.66
N GLY C 47 -0.86 1.08 3.18
CA GLY C 47 0.49 1.55 2.97
C GLY C 47 1.31 1.75 4.22
N GLN C 48 0.79 1.38 5.39
CA GLN C 48 1.49 1.53 6.65
C GLN C 48 1.84 0.16 7.22
N SER C 49 2.70 0.16 8.26
CA SER C 49 2.99 -1.06 8.98
CA SER C 49 2.99 -1.06 8.97
C SER C 49 1.92 -1.28 10.04
N PRO C 50 1.76 -2.52 10.51
CA PRO C 50 0.77 -2.75 11.55
C PRO C 50 1.11 -1.96 12.82
N LYS C 51 0.05 -1.56 13.51
CA LYS C 51 0.12 -0.89 14.81
C LYS C 51 -0.56 -1.73 15.88
N LEU C 52 0.11 -1.92 17.01
CA LEU C 52 -0.45 -2.73 18.09
C LEU C 52 -1.58 -1.97 18.79
N LEU C 53 -2.76 -2.59 18.88
CA LEU C 53 -3.89 -1.97 19.58
C LEU C 53 -4.13 -2.54 20.95
N ILE C 54 -4.13 -3.87 21.06
CA ILE C 54 -4.58 -4.60 22.24
C ILE C 54 -3.62 -5.76 22.46
N TYR C 55 -3.29 -6.04 23.71
CA TYR C 55 -2.61 -7.28 24.02
C TYR C 55 -3.26 -7.89 25.26
N TRP C 56 -2.91 -9.13 25.56
CA TRP C 56 -3.56 -9.86 26.65
C TRP C 56 -5.07 -9.91 26.43
N ALA C 57 -5.47 -9.91 25.14
CA ALA C 57 -6.86 -9.95 24.71
C ALA C 57 -7.65 -8.68 25.00
N SER C 58 -7.37 -8.00 26.12
CA SER C 58 -8.22 -6.89 26.53
C SER C 58 -7.49 -5.66 27.04
N THR C 59 -6.17 -5.64 27.06
CA THR C 59 -5.44 -4.47 27.55
C THR C 59 -5.06 -3.57 26.38
N ARG C 60 -5.51 -2.32 26.43
CA ARG C 60 -5.23 -1.35 25.39
C ARG C 60 -3.79 -0.86 25.48
N GLU C 61 -3.11 -0.85 24.34
CA GLU C 61 -1.77 -0.29 24.27
C GLU C 61 -1.81 1.22 24.50
N SER C 62 -0.73 1.72 25.13
CA SER C 62 -0.59 3.16 25.34
C SER C 62 -0.84 3.93 24.04
N GLY C 63 -1.53 5.07 24.15
CA GLY C 63 -1.84 5.88 23.00
C GLY C 63 -3.02 5.41 22.17
N VAL C 64 -3.47 4.19 22.36
CA VAL C 64 -4.60 3.68 21.57
C VAL C 64 -5.89 4.32 22.06
N PRO C 65 -6.68 4.93 21.17
CA PRO C 65 -7.94 5.55 21.60
C PRO C 65 -8.84 4.59 22.36
N ASP C 66 -9.62 5.16 23.28
CA ASP C 66 -10.54 4.36 24.10
C ASP C 66 -11.61 3.65 23.27
N ARG C 67 -11.88 4.11 22.05
CA ARG C 67 -12.94 3.52 21.25
C ARG C 67 -12.66 2.08 20.84
N PHE C 68 -11.40 1.64 20.92
CA PHE C 68 -11.00 0.27 20.58
C PHE C 68 -10.96 -0.54 21.85
N THR C 69 -11.75 -1.61 21.90
CA THR C 69 -11.76 -2.48 23.08
CA THR C 69 -11.78 -2.48 23.08
C THR C 69 -11.71 -3.94 22.66
N GLY C 70 -10.82 -4.70 23.31
CA GLY C 70 -10.71 -6.12 23.08
C GLY C 70 -11.42 -6.85 24.19
N SER C 71 -12.10 -7.95 23.84
CA SER C 71 -12.76 -8.77 24.85
C SER C 71 -12.70 -10.23 24.43
N GLY C 72 -13.15 -11.09 25.33
CA GLY C 72 -13.29 -12.51 25.04
C GLY C 72 -12.36 -13.36 25.88
N SER C 73 -12.58 -14.67 25.78
CA SER C 73 -11.80 -15.65 26.52
C SER C 73 -11.99 -17.00 25.86
N GLY C 74 -11.22 -17.97 26.34
CA GLY C 74 -11.29 -19.29 25.74
C GLY C 74 -10.74 -19.23 24.33
N THR C 75 -11.60 -19.51 23.36
CA THR C 75 -11.21 -19.48 21.96
C THR C 75 -11.97 -18.41 21.19
N ASP C 76 -12.78 -17.59 21.85
CA ASP C 76 -13.64 -16.61 21.18
C ASP C 76 -13.29 -15.19 21.60
N PHE C 77 -12.76 -14.41 20.67
CA PHE C 77 -12.33 -13.05 20.97
C PHE C 77 -13.01 -12.06 20.05
N THR C 78 -13.09 -10.82 20.54
CA THR C 78 -13.79 -9.76 19.81
C THR C 78 -13.00 -8.46 19.89
N LEU C 79 -12.97 -7.72 18.78
CA LEU C 79 -12.54 -6.33 18.77
C LEU C 79 -13.76 -5.47 18.49
N THR C 80 -14.02 -4.50 19.35
CA THR C 80 -15.10 -3.55 19.16
C THR C 80 -14.53 -2.17 18.92
N ILE C 81 -15.07 -1.45 17.95
CA ILE C 81 -14.79 -0.02 17.76
C ILE C 81 -16.09 0.71 18.04
N SER C 82 -16.11 1.51 19.11
CA SER C 82 -17.41 1.97 19.62
C SER C 82 -18.04 3.00 18.70
N SER C 83 -17.22 3.85 18.08
CA SER C 83 -17.72 4.94 17.23
C SER C 83 -16.70 5.12 16.10
N VAL C 84 -16.97 4.51 14.96
CA VAL C 84 -15.95 4.44 13.91
C VAL C 84 -15.66 5.82 13.35
N GLN C 85 -14.36 6.14 13.21
CA GLN C 85 -13.92 7.38 12.58
C GLN C 85 -13.45 7.09 11.16
N ALA C 86 -13.51 8.10 10.30
CA ALA C 86 -13.09 7.92 8.91
C ALA C 86 -11.67 7.39 8.83
N GLU C 87 -10.81 7.81 9.76
CA GLU C 87 -9.42 7.38 9.72
C GLU C 87 -9.22 5.96 10.24
N ASP C 88 -10.29 5.29 10.67
CA ASP C 88 -10.11 3.94 11.18
C ASP C 88 -10.13 2.90 10.08
N LEU C 89 -10.28 3.29 8.81
CA LEU C 89 -10.28 2.27 7.78
C LEU C 89 -8.90 1.60 7.78
N ALA C 90 -8.91 0.28 7.71
CA ALA C 90 -7.69 -0.48 7.94
C ALA C 90 -8.08 -1.94 7.82
N VAL C 91 -7.08 -2.79 7.76
CA VAL C 91 -7.25 -4.22 8.03
C VAL C 91 -6.86 -4.46 9.49
N TYR C 92 -7.74 -5.13 10.22
CA TYR C 92 -7.51 -5.45 11.63
C TYR C 92 -7.16 -6.93 11.73
N PHE C 93 -6.04 -7.23 12.37
CA PHE C 93 -5.54 -8.59 12.51
C PHE C 93 -5.52 -9.01 13.96
N CYS C 94 -5.88 -10.26 14.23
CA CYS C 94 -5.58 -10.82 15.54
C CYS C 94 -4.35 -11.72 15.43
N HIS C 95 -3.80 -12.07 16.60
CA HIS C 95 -2.47 -12.65 16.69
C HIS C 95 -2.41 -13.40 18.00
N GLN C 96 -2.06 -14.67 17.95
CA GLN C 96 -1.79 -15.37 19.18
C GLN C 96 -0.30 -15.59 19.28
N TYR C 97 0.22 -15.40 20.50
CA TYR C 97 1.64 -15.62 20.75
C TYR C 97 1.85 -16.57 21.91
N LEU C 98 0.84 -17.40 22.22
CA LEU C 98 1.06 -18.48 23.18
C LEU C 98 2.08 -19.48 22.65
N SER C 99 1.85 -19.98 21.44
CA SER C 99 2.72 -20.92 20.77
C SER C 99 3.39 -20.21 19.58
N SER C 100 3.97 -20.98 18.67
CA SER C 100 4.54 -20.43 17.45
C SER C 100 3.56 -19.45 16.83
N TYR C 101 4.01 -18.21 16.64
CA TYR C 101 3.06 -17.11 16.48
C TYR C 101 2.25 -17.30 15.21
N THR C 102 0.94 -17.06 15.30
CA THR C 102 0.09 -17.12 14.12
C THR C 102 -0.88 -15.94 14.16
N PHE C 103 -1.34 -15.56 12.96
CA PHE C 103 -2.20 -14.41 12.81
C PHE C 103 -3.47 -14.83 12.10
N GLY C 104 -4.55 -14.09 12.39
CA GLY C 104 -5.77 -14.26 11.63
C GLY C 104 -5.62 -13.65 10.24
N GLY C 105 -6.59 -13.93 9.37
CA GLY C 105 -6.58 -13.43 8.01
C GLY C 105 -6.99 -11.99 7.82
N GLY C 106 -7.41 -11.31 8.89
CA GLY C 106 -7.75 -9.91 8.78
C GLY C 106 -9.22 -9.66 8.53
N THR C 107 -9.74 -8.59 9.12
CA THR C 107 -11.04 -8.00 8.77
C THR C 107 -10.78 -6.62 8.22
N LYS C 108 -11.22 -6.38 6.98
CA LYS C 108 -11.06 -5.07 6.34
C LYS C 108 -12.24 -4.18 6.67
N LEU C 109 -11.99 -3.07 7.36
CA LEU C 109 -13.02 -2.10 7.73
C LEU C 109 -13.00 -0.99 6.69
N GLU C 110 -14.12 -0.83 5.99
CA GLU C 110 -14.29 0.21 4.99
C GLU C 110 -15.33 1.21 5.48
N ILE C 111 -15.31 2.43 4.93
CA ILE C 111 -16.16 3.50 5.40
C ILE C 111 -17.22 3.82 4.35
N LYS C 112 -18.46 4.02 4.80
CA LYS C 112 -19.54 4.46 3.94
C LYS C 112 -19.69 5.96 4.10
N ARG C 113 -20.05 6.65 3.02
CA ARG C 113 -20.25 8.10 3.03
C ARG C 113 -21.26 8.45 1.93
N THR C 114 -21.55 9.74 1.79
CA THR C 114 -22.51 10.17 0.77
C THR C 114 -21.91 10.02 -0.63
N VAL C 115 -22.80 9.95 -1.62
CA VAL C 115 -22.36 9.90 -3.00
C VAL C 115 -21.55 11.15 -3.33
N ALA C 116 -20.46 10.96 -4.07
CA ALA C 116 -19.64 12.06 -4.56
C ALA C 116 -19.25 11.77 -5.99
N ALA C 117 -19.64 12.61 -6.93
CA ALA C 117 -19.24 12.42 -8.32
C ALA C 117 -17.75 12.69 -8.48
N PRO C 118 -17.10 12.03 -9.42
CA PRO C 118 -15.67 12.30 -9.68
C PRO C 118 -15.47 13.64 -10.37
N SER C 119 -14.32 14.26 -10.10
CA SER C 119 -13.82 15.35 -10.93
C SER C 119 -12.91 14.70 -11.96
N VAL C 120 -13.18 14.96 -13.24
CA VAL C 120 -12.51 14.24 -14.33
C VAL C 120 -11.50 15.16 -15.01
N PHE C 121 -10.32 14.61 -15.28
CA PHE C 121 -9.23 15.32 -15.95
C PHE C 121 -8.63 14.40 -16.99
N ILE C 122 -8.17 14.98 -18.10
CA ILE C 122 -7.50 14.20 -19.14
C ILE C 122 -6.15 14.84 -19.47
N PHE C 123 -5.17 13.98 -19.75
CA PHE C 123 -3.80 14.42 -20.01
C PHE C 123 -3.32 13.83 -21.32
N PRO C 124 -2.95 14.65 -22.28
CA PRO C 124 -2.33 14.15 -23.50
C PRO C 124 -0.98 13.53 -23.18
N PRO C 125 -0.44 12.73 -24.09
CA PRO C 125 0.95 12.30 -23.92
C PRO C 125 1.92 13.46 -23.89
N SER C 126 2.98 13.29 -23.12
CA SER C 126 4.05 14.29 -23.11
C SER C 126 4.80 14.28 -24.43
N ASP C 127 5.37 15.44 -24.78
CA ASP C 127 6.24 15.46 -25.94
C ASP C 127 7.43 14.53 -25.79
N GLU C 128 7.95 14.38 -24.56
CA GLU C 128 9.10 13.52 -24.35
C GLU C 128 8.76 12.07 -24.68
N GLN C 129 7.58 11.62 -24.25
CA GLN C 129 7.17 10.25 -24.57
C GLN C 129 6.94 10.08 -26.06
N LEU C 130 6.30 11.06 -26.71
CA LEU C 130 6.05 10.97 -28.14
C LEU C 130 7.34 10.77 -28.91
N LYS C 131 8.39 11.48 -28.51
CA LYS C 131 9.68 11.35 -29.21
C LYS C 131 10.17 9.91 -29.22
N SER C 132 9.71 9.08 -28.29
CA SER C 132 10.18 7.71 -28.15
C SER C 132 9.32 6.68 -28.86
N GLY C 133 8.23 7.08 -29.52
CA GLY C 133 7.42 6.15 -30.31
C GLY C 133 6.10 5.69 -29.70
N THR C 134 5.75 6.11 -28.48
CA THR C 134 4.55 5.63 -27.82
C THR C 134 3.78 6.82 -27.28
N ALA C 135 2.45 6.68 -27.22
CA ALA C 135 1.59 7.73 -26.68
C ALA C 135 0.71 7.13 -25.60
N SER C 136 0.87 7.62 -24.38
CA SER C 136 0.01 7.25 -23.27
C SER C 136 -0.87 8.44 -22.94
N VAL C 137 -2.17 8.21 -22.93
CA VAL C 137 -3.17 9.24 -22.63
C VAL C 137 -3.78 8.83 -21.30
N VAL C 138 -3.87 9.76 -20.35
CA VAL C 138 -4.30 9.44 -18.99
C VAL C 138 -5.60 10.15 -18.66
N CYS C 139 -6.56 9.40 -18.10
CA CYS C 139 -7.81 9.97 -17.60
C CYS C 139 -7.83 9.77 -16.10
N LEU C 140 -8.09 10.85 -15.36
CA LEU C 140 -8.08 10.82 -13.90
C LEU C 140 -9.49 11.12 -13.39
N LEU C 141 -9.96 10.27 -12.49
CA LEU C 141 -11.24 10.45 -11.80
C LEU C 141 -10.89 10.69 -10.34
N ASN C 142 -11.12 11.89 -9.85
CA ASN C 142 -10.68 12.25 -8.52
CA ASN C 142 -10.68 12.29 -8.52
C ASN C 142 -11.83 12.29 -7.52
N ASN C 143 -11.58 11.65 -6.36
CA ASN C 143 -12.32 11.82 -5.11
CA ASN C 143 -12.33 11.86 -5.12
C ASN C 143 -13.82 11.57 -5.27
N PHE C 144 -14.15 10.33 -5.61
CA PHE C 144 -15.54 9.94 -5.82
C PHE C 144 -15.94 8.85 -4.85
N TYR C 145 -17.25 8.64 -4.72
CA TYR C 145 -17.77 7.58 -3.88
C TYR C 145 -19.18 7.27 -4.37
N PRO C 146 -19.58 6.00 -4.49
CA PRO C 146 -18.87 4.76 -4.16
C PRO C 146 -17.79 4.46 -5.18
N ARG C 147 -17.11 3.33 -4.95
CA ARG C 147 -15.90 2.98 -5.70
CA ARG C 147 -15.91 3.04 -5.73
C ARG C 147 -16.20 2.61 -7.16
N GLU C 148 -17.40 2.13 -7.44
CA GLU C 148 -17.70 1.66 -8.79
C GLU C 148 -17.74 2.83 -9.77
N ALA C 149 -17.00 2.73 -10.85
CA ALA C 149 -16.98 3.78 -11.85
C ALA C 149 -16.61 3.14 -13.16
N LYS C 150 -17.01 3.73 -14.26
CA LYS C 150 -16.66 3.15 -15.54
C LYS C 150 -16.04 4.21 -16.41
N VAL C 151 -14.94 3.83 -17.07
CA VAL C 151 -14.25 4.69 -18.03
C VAL C 151 -14.38 4.04 -19.39
N GLN C 152 -14.77 4.82 -20.39
CA GLN C 152 -14.69 4.39 -21.77
C GLN C 152 -13.85 5.40 -22.54
N TRP C 153 -12.86 4.91 -23.27
CA TRP C 153 -12.05 5.75 -24.13
C TRP C 153 -12.67 5.79 -25.51
N LYS C 154 -12.73 7.00 -26.10
CA LYS C 154 -13.24 7.17 -27.46
C LYS C 154 -12.23 8.00 -28.24
N VAL C 155 -11.97 7.59 -29.48
CA VAL C 155 -11.00 8.26 -30.32
C VAL C 155 -11.76 8.64 -31.59
N ASP C 156 -11.98 9.95 -31.78
CA ASP C 156 -12.91 10.44 -32.79
C ASP C 156 -14.23 9.68 -32.77
N ASN C 157 -14.72 9.47 -31.54
CA ASN C 157 -16.00 8.85 -31.20
CA ASN C 157 -16.03 8.87 -31.25
C ASN C 157 -16.03 7.34 -31.37
N ALA C 158 -14.90 6.71 -31.70
CA ALA C 158 -14.84 5.26 -31.82
C ALA C 158 -14.46 4.68 -30.46
N LEU C 159 -15.33 3.81 -29.94
CA LEU C 159 -15.05 3.18 -28.64
C LEU C 159 -13.82 2.28 -28.74
N GLN C 160 -12.90 2.47 -27.79
CA GLN C 160 -11.66 1.69 -27.76
C GLN C 160 -11.84 0.45 -26.91
N SER C 161 -11.10 -0.59 -27.26
CA SER C 161 -11.07 -1.80 -26.44
CA SER C 161 -11.08 -1.81 -26.45
CA SER C 161 -11.08 -1.80 -26.45
C SER C 161 -9.70 -2.45 -26.55
N GLY C 162 -9.19 -2.97 -25.44
CA GLY C 162 -7.98 -3.74 -25.49
C GLY C 162 -6.69 -2.97 -25.39
N ASN C 163 -6.76 -1.65 -25.20
CA ASN C 163 -5.56 -0.83 -25.19
C ASN C 163 -5.53 0.11 -24.00
N SER C 164 -6.27 -0.19 -22.93
CA SER C 164 -6.18 0.63 -21.72
C SER C 164 -6.03 -0.25 -20.48
N GLN C 165 -5.52 0.37 -19.42
CA GLN C 165 -5.45 -0.26 -18.09
C GLN C 165 -5.84 0.79 -17.06
N GLU C 166 -6.44 0.35 -15.96
CA GLU C 166 -6.81 1.29 -14.91
C GLU C 166 -6.51 0.70 -13.53
N SER C 167 -6.46 1.58 -12.54
CA SER C 167 -6.43 1.14 -11.15
C SER C 167 -7.08 2.20 -10.27
N VAL C 168 -7.60 1.72 -9.16
CA VAL C 168 -8.27 2.55 -8.18
C VAL C 168 -7.43 2.60 -6.92
N THR C 169 -7.46 3.75 -6.26
CA THR C 169 -6.74 3.88 -4.99
C THR C 169 -7.45 3.11 -3.88
N GLU C 170 -6.72 2.89 -2.78
CA GLU C 170 -7.35 2.65 -1.50
C GLU C 170 -8.28 3.83 -1.14
N GLN C 171 -9.15 3.58 -0.18
CA GLN C 171 -10.05 4.63 0.28
C GLN C 171 -9.28 5.68 1.05
N ASP C 172 -9.70 6.95 0.91
CA ASP C 172 -9.01 8.04 1.57
C ASP C 172 -9.38 8.06 3.05
N SER C 173 -8.37 8.24 3.92
CA SER C 173 -8.59 8.20 5.36
CA SER C 173 -8.60 8.19 5.35
C SER C 173 -9.27 9.45 5.89
N LYS C 174 -9.38 10.52 5.10
CA LYS C 174 -10.01 11.73 5.59
C LYS C 174 -11.39 11.95 4.99
N ASP C 175 -11.54 11.82 3.68
CA ASP C 175 -12.83 12.09 3.06
C ASP C 175 -13.52 10.84 2.55
N SER C 176 -12.93 9.66 2.74
CA SER C 176 -13.58 8.40 2.45
C SER C 176 -13.89 8.20 0.97
N THR C 177 -13.20 8.92 0.10
CA THR C 177 -13.39 8.74 -1.34
C THR C 177 -12.32 7.86 -1.95
N TYR C 178 -12.51 7.58 -3.24
CA TYR C 178 -11.58 6.84 -4.06
C TYR C 178 -11.21 7.71 -5.25
N SER C 179 -10.07 7.39 -5.86
CA SER C 179 -9.72 7.99 -7.14
C SER C 179 -9.27 6.89 -8.09
N LEU C 180 -9.32 7.18 -9.38
CA LEU C 180 -9.01 6.16 -10.39
C LEU C 180 -8.25 6.80 -11.52
N SER C 181 -7.25 6.06 -12.03
CA SER C 181 -6.46 6.48 -13.18
C SER C 181 -6.59 5.42 -14.23
N SER C 182 -6.84 5.85 -15.48
CA SER C 182 -6.87 4.96 -16.63
C SER C 182 -5.90 5.48 -17.68
N THR C 183 -5.14 4.58 -18.29
CA THR C 183 -4.16 4.93 -19.31
C THR C 183 -4.53 4.21 -20.60
N LEU C 184 -4.69 4.96 -21.66
CA LEU C 184 -4.86 4.43 -23.01
C LEU C 184 -3.49 4.52 -23.67
N THR C 185 -2.95 3.39 -24.16
CA THR C 185 -1.62 3.40 -24.77
C THR C 185 -1.73 3.04 -26.24
N LEU C 186 -1.21 3.92 -27.09
CA LEU C 186 -1.19 3.73 -28.55
C LEU C 186 0.24 3.91 -29.05
N SER C 187 0.53 3.33 -30.21
CA SER C 187 1.76 3.74 -30.85
C SER C 187 1.65 5.20 -31.26
N LYS C 188 2.81 5.87 -31.38
CA LYS C 188 2.81 7.24 -31.89
C LYS C 188 2.15 7.32 -33.27
N ALA C 189 2.45 6.36 -34.14
CA ALA C 189 1.85 6.35 -35.47
C ALA C 189 0.33 6.34 -35.38
N ASP C 190 -0.24 5.48 -34.53
CA ASP C 190 -1.70 5.43 -34.44
C ASP C 190 -2.23 6.69 -33.79
N TYR C 191 -1.56 7.16 -32.73
CA TYR C 191 -1.99 8.38 -32.05
C TYR C 191 -2.14 9.54 -33.03
N GLU C 192 -1.20 9.68 -33.95
CA GLU C 192 -1.17 10.78 -34.91
CA GLU C 192 -1.25 10.84 -34.83
C GLU C 192 -2.23 10.67 -35.98
N LYS C 193 -2.94 9.55 -36.05
CA LYS C 193 -3.97 9.39 -37.08
C LYS C 193 -5.31 10.00 -36.70
N HIS C 194 -5.48 10.49 -35.47
CA HIS C 194 -6.79 10.90 -34.99
C HIS C 194 -6.70 12.26 -34.30
N LYS C 195 -7.87 12.90 -34.17
CA LYS C 195 -7.96 14.24 -33.59
C LYS C 195 -8.45 14.23 -32.15
N VAL C 196 -9.66 13.73 -31.91
CA VAL C 196 -10.32 13.91 -30.61
C VAL C 196 -10.07 12.70 -29.73
N TYR C 197 -9.44 12.93 -28.58
CA TYR C 197 -9.21 11.91 -27.57
C TYR C 197 -10.10 12.19 -26.38
N ALA C 198 -10.97 11.23 -26.05
CA ALA C 198 -12.00 11.46 -25.05
C ALA C 198 -12.04 10.34 -24.04
N CYS C 199 -12.26 10.72 -22.80
CA CYS C 199 -12.60 9.74 -21.80
CA CYS C 199 -12.55 9.81 -21.71
C CYS C 199 -13.99 10.04 -21.28
N GLU C 200 -14.81 9.01 -21.27
CA GLU C 200 -16.22 9.15 -20.93
C GLU C 200 -16.47 8.36 -19.65
N VAL C 201 -16.99 9.04 -18.63
CA VAL C 201 -17.02 8.51 -17.27
C VAL C 201 -18.45 8.38 -16.82
N THR C 202 -18.79 7.21 -16.29
CA THR C 202 -20.09 6.90 -15.71
CA THR C 202 -20.09 6.98 -15.69
C THR C 202 -19.88 6.64 -14.23
N HIS C 203 -20.76 7.16 -13.39
CA HIS C 203 -20.63 6.98 -11.95
C HIS C 203 -21.97 7.32 -11.34
N GLN C 204 -22.27 6.73 -10.19
CA GLN C 204 -23.53 6.97 -9.50
C GLN C 204 -23.83 8.45 -9.29
N GLY C 205 -22.79 9.27 -9.07
CA GLY C 205 -23.11 10.68 -8.83
C GLY C 205 -23.37 11.50 -10.08
N LEU C 206 -23.37 10.87 -11.25
CA LEU C 206 -23.59 11.52 -12.53
C LEU C 206 -24.86 10.95 -13.15
N SER C 207 -25.74 11.84 -13.62
CA SER C 207 -26.98 11.38 -14.24
CA SER C 207 -27.00 11.43 -14.26
C SER C 207 -26.79 11.03 -15.70
N SER C 208 -25.73 11.51 -16.32
CA SER C 208 -25.35 11.15 -17.67
CA SER C 208 -25.34 11.17 -17.68
C SER C 208 -23.82 11.07 -17.68
N PRO C 209 -23.24 10.33 -18.63
CA PRO C 209 -21.78 10.25 -18.66
C PRO C 209 -21.14 11.63 -18.86
N VAL C 210 -20.02 11.83 -18.23
CA VAL C 210 -19.22 13.05 -18.37
C VAL C 210 -18.08 12.72 -19.32
N THR C 211 -17.85 13.61 -20.29
CA THR C 211 -16.77 13.44 -21.24
C THR C 211 -15.76 14.56 -21.05
N LYS C 212 -14.48 14.20 -20.89
CA LYS C 212 -13.39 15.14 -20.98
CA LYS C 212 -13.38 15.16 -20.99
C LYS C 212 -12.56 14.76 -22.20
N SER C 213 -12.18 15.75 -22.97
CA SER C 213 -11.47 15.43 -24.19
C SER C 213 -10.49 16.53 -24.53
N PHE C 214 -9.58 16.21 -25.46
CA PHE C 214 -8.74 17.21 -26.06
C PHE C 214 -8.60 16.90 -27.55
N ASN C 215 -8.22 17.92 -28.31
CA ASN C 215 -7.85 17.74 -29.71
C ASN C 215 -6.34 17.66 -29.81
N ARG C 216 -5.84 16.57 -30.39
CA ARG C 216 -4.40 16.32 -30.46
C ARG C 216 -3.70 17.46 -31.19
N GLY C 217 -2.57 17.89 -30.64
CA GLY C 217 -1.77 18.91 -31.29
C GLY C 217 -2.35 20.31 -31.21
N GLU C 218 -2.99 20.65 -30.10
CA GLU C 218 -3.61 21.95 -29.95
C GLU C 218 -3.47 22.48 -28.52
#